data_3CIU
#
_entry.id   3CIU
#
_cell.length_a   62.604
_cell.length_b   73.982
_cell.length_c   129.796
_cell.angle_alpha   90.00
_cell.angle_beta   90.00
_cell.angle_gamma   90.00
#
_symmetry.space_group_name_H-M   'P 21 21 21'
#
loop_
_entity.id
_entity.type
_entity.pdbx_description
1 polymer 'Hemoglobin subunit alpha'
2 polymer 'Hemoglobin subunit beta'
3 non-polymer 'PROTOPORPHYRIN IX CONTAINING FE'
4 non-polymer 'OXYGEN ATOM'
5 non-polymer 5-(2,5-dioxopyrrolidin-1-yl)-N-[2-(2-{2-[(4-O-alpha-D-idopyranosyl-alpha-D-mannopyranosyl)oxy]ethoxy}ethoxy)ethyl]pentanamide
6 water water
#
loop_
_entity_poly.entity_id
_entity_poly.type
_entity_poly.pdbx_seq_one_letter_code
_entity_poly.pdbx_strand_id
1 'polypeptide(L)'
;VLSAADKGNVKAAWGKVGGHAAEYGAEALERMFLSFPTTKTYFPHFDLSHGSAQVKGHGAKVAAALTKAVEHLDDLPGAL
SELSDLHAHKLRVDPVNFKLLSHSLLVTLASHLPSDFTPAVHASLDKFLANVSTVLTSKYR
;
A,C
2 'polypeptide(L)'
;MLTAEEKAAVTAFWGKVKVDEVGGEALGRLLVVYPWTQRFFESFGDLSTADAVMNNPKVKAHGKKVLDSFSNGMKHLDDL
KGTFAALSELHCDKLHVDPENFKLLGNVLVVVLARNFGKEFTPVLQADFQKVVAGVANALAHRYH
;
B,D
#
# COMPACT_ATOMS: atom_id res chain seq x y z
N LEU A 2 7.55 9.12 13.88
CA LEU A 2 6.82 8.95 15.17
C LEU A 2 6.99 10.14 16.12
N SER A 3 5.86 10.74 16.50
CA SER A 3 5.86 11.90 17.39
C SER A 3 6.18 11.55 18.85
N ALA A 4 6.29 12.58 19.68
CA ALA A 4 6.62 12.41 21.09
C ALA A 4 5.45 11.85 21.90
N ALA A 5 4.23 12.18 21.48
CA ALA A 5 3.01 11.64 22.06
C ALA A 5 2.80 10.18 21.64
N ASP A 6 3.16 9.86 20.40
CA ASP A 6 3.12 8.50 19.89
C ASP A 6 3.96 7.56 20.75
N LYS A 7 5.24 7.89 20.92
CA LYS A 7 6.16 7.12 21.75
C LYS A 7 5.61 6.89 23.16
N GLY A 8 5.01 7.93 23.73
CA GLY A 8 4.40 7.86 25.05
C GLY A 8 3.18 6.96 25.09
N ASN A 9 2.33 7.07 24.07
CA ASN A 9 1.11 6.27 23.96
C ASN A 9 1.39 4.78 23.83
N VAL A 10 2.34 4.43 22.96
CA VAL A 10 2.71 3.05 22.71
C VAL A 10 3.25 2.39 23.98
N LYS A 11 4.12 3.11 24.70
CA LYS A 11 4.65 2.66 25.99
C LYS A 11 3.52 2.38 26.99
N ALA A 12 2.64 3.35 27.15
CA ALA A 12 1.51 3.26 28.09
C ALA A 12 0.53 2.14 27.72
N ALA A 13 0.34 1.93 26.42
CA ALA A 13 -0.54 0.88 25.92
C ALA A 13 0.05 -0.50 26.20
N TRP A 14 1.32 -0.68 25.84
CA TRP A 14 2.00 -1.95 26.02
C TRP A 14 2.26 -2.26 27.50
N GLY A 15 2.27 -1.20 28.31
CA GLY A 15 2.34 -1.32 29.77
C GLY A 15 1.05 -1.84 30.35
N LYS A 16 -0.07 -1.38 29.81
CA LYS A 16 -1.39 -1.90 30.17
C LYS A 16 -1.57 -3.36 29.72
N VAL A 17 -0.93 -3.72 28.61
CA VAL A 17 -0.86 -5.11 28.15
C VAL A 17 -0.16 -5.95 29.22
N GLY A 18 1.01 -5.47 29.66
CA GLY A 18 1.77 -6.05 30.77
C GLY A 18 2.23 -7.47 30.53
N GLY A 19 1.87 -8.35 31.45
CA GLY A 19 2.24 -9.75 31.39
C GLY A 19 1.31 -10.60 30.56
N HIS A 20 0.23 -9.99 30.06
CA HIS A 20 -0.75 -10.70 29.24
C HIS A 20 -0.31 -10.91 27.79
N ALA A 21 0.69 -10.15 27.36
CA ALA A 21 1.14 -10.13 25.96
C ALA A 21 1.24 -11.50 25.28
N ALA A 22 1.68 -12.51 26.04
CA ALA A 22 1.85 -13.87 25.53
C ALA A 22 0.57 -14.45 24.90
N GLU A 23 -0.53 -14.29 25.61
CA GLU A 23 -1.84 -14.75 25.17
C GLU A 23 -2.34 -13.93 23.99
N TYR A 24 -2.02 -12.64 24.01
CA TYR A 24 -2.44 -11.72 22.96
C TYR A 24 -1.68 -11.97 21.67
N GLY A 25 -0.41 -12.36 21.80
CA GLY A 25 0.40 -12.79 20.67
C GLY A 25 -0.14 -14.06 20.06
N ALA A 26 -0.72 -14.92 20.90
CA ALA A 26 -1.35 -16.16 20.46
C ALA A 26 -2.70 -15.92 19.78
N GLU A 27 -3.46 -14.97 20.30
CA GLU A 27 -4.73 -14.59 19.70
C GLU A 27 -4.49 -13.90 18.36
N ALA A 28 -3.68 -12.85 18.36
CA ALA A 28 -3.33 -12.09 17.16
C ALA A 28 -2.97 -13.00 15.99
N LEU A 29 -2.40 -14.17 16.31
CA LEU A 29 -2.08 -15.19 15.32
C LEU A 29 -3.31 -15.93 14.85
N GLU A 30 -4.01 -16.55 15.79
CA GLU A 30 -5.21 -17.32 15.49
C GLU A 30 -6.20 -16.48 14.67
N ARG A 31 -6.27 -15.19 14.99
CA ARG A 31 -7.16 -14.27 14.28
C ARG A 31 -6.70 -13.99 12.86
N MET A 32 -5.40 -14.08 12.62
CA MET A 32 -4.85 -13.90 11.28
C MET A 32 -5.06 -15.15 10.42
N PHE A 33 -4.72 -16.31 10.99
CA PHE A 33 -4.84 -17.59 10.29
C PHE A 33 -6.29 -17.99 10.01
N LEU A 34 -7.24 -17.38 10.72
CA LEU A 34 -8.66 -17.60 10.46
C LEU A 34 -9.25 -16.60 9.49
N SER A 35 -8.77 -15.37 9.52
CA SER A 35 -9.31 -14.29 8.70
C SER A 35 -8.69 -14.21 7.31
N PHE A 36 -7.39 -14.48 7.22
CA PHE A 36 -6.66 -14.41 5.97
C PHE A 36 -5.88 -15.71 5.72
N PRO A 37 -6.59 -16.76 5.22
CA PRO A 37 -6.04 -18.12 5.12
C PRO A 37 -4.81 -18.30 4.22
N THR A 38 -4.48 -17.28 3.41
CA THR A 38 -3.28 -17.34 2.55
C THR A 38 -1.99 -17.11 3.32
N THR A 39 -2.11 -16.56 4.53
CA THR A 39 -0.98 -16.34 5.42
C THR A 39 -0.52 -17.66 6.04
N LYS A 40 -1.42 -18.64 6.06
CA LYS A 40 -1.14 -19.98 6.60
C LYS A 40 -0.12 -20.76 5.75
N THR A 41 0.27 -20.17 4.62
CA THR A 41 1.25 -20.79 3.71
C THR A 41 2.68 -20.46 4.11
N TYR A 42 2.86 -19.43 4.93
CA TYR A 42 4.18 -19.11 5.47
C TYR A 42 4.58 -20.08 6.57
N PHE A 43 3.59 -20.74 7.16
CA PHE A 43 3.82 -21.75 8.20
C PHE A 43 3.33 -23.13 7.76
N PRO A 44 4.09 -23.81 6.87
CA PRO A 44 3.63 -25.13 6.45
C PRO A 44 4.00 -26.22 7.44
N HIS A 45 5.15 -26.05 8.11
CA HIS A 45 5.66 -27.00 9.09
C HIS A 45 4.91 -26.92 10.42
N PHE A 46 4.26 -25.78 10.65
CA PHE A 46 3.46 -25.55 11.85
C PHE A 46 2.20 -26.41 11.88
N ASP A 47 1.74 -26.70 13.11
CA ASP A 47 0.42 -27.29 13.32
C ASP A 47 -0.54 -26.17 13.65
N LEU A 48 -1.39 -25.82 12.68
CA LEU A 48 -2.25 -24.65 12.77
C LEU A 48 -3.67 -24.97 13.25
N SER A 49 -3.81 -26.03 14.04
CA SER A 49 -5.09 -26.45 14.62
C SER A 49 -5.64 -25.42 15.59
N HIS A 50 -6.89 -25.63 16.04
CA HIS A 50 -7.54 -24.74 16.99
C HIS A 50 -6.90 -24.83 18.38
N GLY A 51 -6.30 -23.74 18.82
CA GLY A 51 -5.58 -23.68 20.10
C GLY A 51 -4.38 -24.61 20.13
N SER A 52 -3.42 -24.35 19.24
CA SER A 52 -2.22 -25.19 19.13
C SER A 52 -1.21 -24.90 20.22
N ALA A 53 -0.43 -25.93 20.55
CA ALA A 53 0.69 -25.78 21.48
C ALA A 53 1.78 -24.96 20.81
N GLN A 54 1.97 -25.20 19.52
CA GLN A 54 2.95 -24.49 18.70
C GLN A 54 2.63 -23.01 18.56
N VAL A 55 1.43 -22.72 18.07
CA VAL A 55 0.98 -21.35 17.83
C VAL A 55 1.04 -20.52 19.11
N LYS A 56 0.52 -21.08 20.20
CA LYS A 56 0.53 -20.44 21.52
C LYS A 56 1.96 -20.14 21.96
N GLY A 57 2.85 -21.11 21.76
CA GLY A 57 4.27 -20.96 22.08
C GLY A 57 4.98 -19.96 21.18
N HIS A 58 4.54 -19.87 19.94
CA HIS A 58 5.12 -18.96 18.96
C HIS A 58 4.69 -17.52 19.21
N GLY A 59 3.40 -17.35 19.53
CA GLY A 59 2.87 -16.02 19.86
C GLY A 59 3.61 -15.38 21.01
N ALA A 60 4.20 -16.22 21.87
CA ALA A 60 4.99 -15.75 23.00
C ALA A 60 6.30 -15.12 22.54
N LYS A 61 6.86 -15.65 21.45
CA LYS A 61 8.12 -15.14 20.89
C LYS A 61 7.94 -13.76 20.24
N VAL A 62 6.80 -13.56 19.59
CA VAL A 62 6.48 -12.34 18.88
C VAL A 62 6.31 -11.17 19.84
N ALA A 63 5.44 -11.36 20.83
CA ALA A 63 5.13 -10.35 21.83
C ALA A 63 6.36 -9.95 22.63
N ALA A 64 7.20 -10.94 22.96
CA ALA A 64 8.46 -10.70 23.63
C ALA A 64 9.38 -9.81 22.79
N ALA A 65 9.45 -10.10 21.50
CA ALA A 65 10.25 -9.33 20.55
C ALA A 65 9.65 -7.94 20.30
N LEU A 66 8.32 -7.86 20.38
CA LEU A 66 7.63 -6.57 20.31
C LEU A 66 7.97 -5.71 21.52
N THR A 67 7.96 -6.32 22.70
CA THR A 67 8.29 -5.61 23.94
C THR A 67 9.67 -4.95 23.82
N LYS A 68 10.60 -5.68 23.20
CA LYS A 68 11.94 -5.18 22.90
C LYS A 68 11.88 -3.95 21.98
N ALA A 69 10.99 -4.01 20.99
CA ALA A 69 10.78 -2.90 20.06
C ALA A 69 10.23 -1.66 20.76
N VAL A 70 9.32 -1.87 21.71
CA VAL A 70 8.73 -0.78 22.49
C VAL A 70 9.77 -0.11 23.40
N GLU A 71 10.68 -0.91 23.93
CA GLU A 71 11.77 -0.40 24.76
C GLU A 71 12.89 0.23 23.93
N HIS A 72 12.92 -0.09 22.63
CA HIS A 72 13.91 0.49 21.72
C HIS A 72 13.23 1.29 20.62
N LEU A 73 12.45 2.29 21.02
CA LEU A 73 11.65 3.08 20.08
C LEU A 73 12.49 4.00 19.19
N ASP A 74 13.66 4.38 19.68
CA ASP A 74 14.51 5.34 18.96
C ASP A 74 15.44 4.69 17.95
N ASP A 75 15.85 3.46 18.23
CA ASP A 75 16.70 2.68 17.32
C ASP A 75 16.08 1.30 17.03
N LEU A 76 14.99 1.30 16.26
CA LEU A 76 14.33 0.07 15.85
C LEU A 76 15.14 -0.74 14.82
N PRO A 77 15.79 -0.05 13.85
CA PRO A 77 16.60 -0.81 12.89
C PRO A 77 17.70 -1.63 13.56
N GLY A 78 18.34 -1.04 14.57
CA GLY A 78 19.41 -1.71 15.30
C GLY A 78 18.94 -2.87 16.16
N ALA A 79 17.86 -2.66 16.90
CA ALA A 79 17.32 -3.68 17.81
C ALA A 79 16.73 -4.88 17.07
N LEU A 80 16.08 -4.62 15.95
CA LEU A 80 15.41 -5.67 15.17
C LEU A 80 16.24 -6.16 13.99
N SER A 81 17.55 -5.91 14.06
CA SER A 81 18.50 -6.27 13.00
C SER A 81 18.52 -7.78 12.71
N GLU A 82 18.38 -8.58 13.76
CA GLU A 82 18.38 -10.03 13.64
C GLU A 82 17.05 -10.58 13.10
N LEU A 83 15.95 -9.93 13.48
CA LEU A 83 14.64 -10.29 12.97
C LEU A 83 14.48 -9.95 11.49
N SER A 84 15.13 -8.85 11.06
CA SER A 84 15.16 -8.46 9.65
C SER A 84 15.90 -9.49 8.80
N ASP A 85 17.01 -10.01 9.34
CA ASP A 85 17.79 -11.06 8.69
C ASP A 85 16.87 -12.21 8.28
N LEU A 86 15.99 -12.61 9.19
CA LEU A 86 15.06 -13.71 8.95
C LEU A 86 13.93 -13.33 8.00
N HIS A 87 13.09 -12.39 8.43
CA HIS A 87 11.88 -12.03 7.70
C HIS A 87 12.14 -11.48 6.29
N ALA A 88 13.21 -10.70 6.14
CA ALA A 88 13.52 -10.07 4.85
C ALA A 88 14.40 -10.94 3.94
N HIS A 89 15.55 -11.38 4.46
CA HIS A 89 16.54 -12.09 3.64
C HIS A 89 16.21 -13.58 3.44
N LYS A 90 15.80 -14.25 4.51
CA LYS A 90 15.55 -15.69 4.49
C LYS A 90 14.14 -16.04 4.02
N LEU A 91 13.14 -15.53 4.73
CA LEU A 91 11.73 -15.89 4.51
C LEU A 91 11.11 -15.21 3.29
N ARG A 92 11.57 -13.99 2.99
CA ARG A 92 11.09 -13.19 1.85
C ARG A 92 9.57 -12.95 1.91
N VAL A 93 9.11 -12.41 3.03
CA VAL A 93 7.69 -12.21 3.30
C VAL A 93 7.14 -11.00 2.55
N ASP A 94 5.97 -11.19 1.93
CA ASP A 94 5.23 -10.11 1.27
C ASP A 94 4.76 -9.11 2.34
N PRO A 95 5.04 -7.80 2.14
CA PRO A 95 4.71 -6.74 3.08
C PRO A 95 3.24 -6.65 3.49
N VAL A 96 2.34 -7.10 2.60
CA VAL A 96 0.90 -7.06 2.89
C VAL A 96 0.51 -7.96 4.07
N ASN A 97 1.29 -9.02 4.29
CA ASN A 97 1.11 -9.91 5.42
C ASN A 97 1.39 -9.20 6.75
N PHE A 98 2.41 -8.34 6.73
CA PHE A 98 2.74 -7.52 7.89
C PHE A 98 1.60 -6.59 8.27
N LYS A 99 1.05 -5.91 7.27
CA LYS A 99 -0.11 -5.07 7.47
C LYS A 99 -1.29 -5.87 8.01
N LEU A 100 -1.40 -7.12 7.57
CA LEU A 100 -2.46 -8.01 8.03
C LEU A 100 -2.27 -8.45 9.48
N LEU A 101 -1.01 -8.64 9.88
CA LEU A 101 -0.72 -8.92 11.28
C LEU A 101 -0.92 -7.66 12.12
N SER A 102 -0.56 -6.52 11.55
CA SER A 102 -0.78 -5.23 12.20
C SER A 102 -2.25 -5.04 12.53
N HIS A 103 -3.13 -5.30 11.56
CA HIS A 103 -4.57 -5.18 11.75
C HIS A 103 -5.14 -6.24 12.69
N SER A 104 -4.59 -7.45 12.63
CA SER A 104 -5.03 -8.54 13.50
C SER A 104 -4.70 -8.28 14.97
N LEU A 105 -3.51 -7.73 15.20
CA LEU A 105 -3.03 -7.43 16.55
C LEU A 105 -3.82 -6.27 17.15
N LEU A 106 -4.16 -5.29 16.31
CA LEU A 106 -4.92 -4.13 16.75
C LEU A 106 -6.36 -4.48 17.10
N VAL A 107 -6.85 -5.61 16.58
CA VAL A 107 -8.16 -6.17 16.96
C VAL A 107 -8.07 -6.80 18.36
N THR A 108 -7.05 -7.61 18.58
CA THR A 108 -6.80 -8.27 19.86
C THR A 108 -6.68 -7.25 21.00
N LEU A 109 -5.95 -6.16 20.76
CA LEU A 109 -5.77 -5.11 21.76
C LEU A 109 -7.05 -4.31 22.00
N ALA A 110 -7.91 -4.27 20.98
CA ALA A 110 -9.18 -3.55 21.08
C ALA A 110 -10.17 -4.31 21.97
N SER A 111 -10.34 -5.60 21.69
CA SER A 111 -11.31 -6.43 22.41
C SER A 111 -10.94 -6.60 23.88
N HIS A 112 -9.65 -6.80 24.12
CA HIS A 112 -9.17 -7.05 25.49
C HIS A 112 -9.05 -5.80 26.34
N LEU A 113 -8.59 -4.70 25.73
CA LEU A 113 -8.45 -3.44 26.45
C LEU A 113 -9.32 -2.34 25.82
N PRO A 114 -10.62 -2.30 26.18
CA PRO A 114 -11.54 -1.34 25.56
C PRO A 114 -11.47 0.06 26.17
N SER A 115 -11.18 0.14 27.47
CA SER A 115 -11.10 1.42 28.16
C SER A 115 -9.84 2.20 27.78
N ASP A 116 -8.79 1.46 27.42
CA ASP A 116 -7.48 2.03 27.12
C ASP A 116 -7.26 2.29 25.63
N PHE A 117 -7.98 1.55 24.78
CA PHE A 117 -7.84 1.68 23.33
C PHE A 117 -8.56 2.93 22.81
N THR A 118 -7.98 4.07 23.12
CA THR A 118 -8.49 5.37 22.70
C THR A 118 -8.03 5.65 21.26
N PRO A 119 -8.79 6.48 20.53
CA PRO A 119 -8.40 6.90 19.18
C PRO A 119 -6.97 7.42 19.11
N ALA A 120 -6.54 8.17 20.13
CA ALA A 120 -5.17 8.63 20.23
C ALA A 120 -4.17 7.47 20.24
N VAL A 121 -4.45 6.46 21.08
CA VAL A 121 -3.58 5.28 21.23
C VAL A 121 -3.68 4.35 20.00
N HIS A 122 -4.88 4.24 19.44
CA HIS A 122 -5.10 3.46 18.21
C HIS A 122 -4.16 3.94 17.10
N ALA A 123 -4.13 5.25 16.87
CA ALA A 123 -3.31 5.87 15.83
C ALA A 123 -1.81 5.70 16.07
N SER A 124 -1.43 5.65 17.34
CA SER A 124 -0.04 5.51 17.77
C SER A 124 0.49 4.10 17.56
N LEU A 125 -0.30 3.11 17.99
CA LEU A 125 0.03 1.70 17.82
C LEU A 125 0.08 1.29 16.35
N ASP A 126 -0.83 1.83 15.55
CA ASP A 126 -0.82 1.62 14.11
C ASP A 126 0.42 2.22 13.47
N LYS A 127 0.80 3.43 13.91
CA LYS A 127 2.01 4.10 13.42
C LYS A 127 3.31 3.44 13.90
N PHE A 128 3.23 2.74 15.03
CA PHE A 128 4.36 2.01 15.59
C PHE A 128 4.58 0.69 14.85
N LEU A 129 3.51 -0.08 14.69
CA LEU A 129 3.58 -1.36 14.00
C LEU A 129 4.00 -1.19 12.54
N ALA A 130 3.52 -0.12 11.91
CA ALA A 130 3.90 0.21 10.54
C ALA A 130 5.41 0.44 10.43
N ASN A 131 5.97 1.14 11.39
CA ASN A 131 7.41 1.44 11.42
C ASN A 131 8.26 0.22 11.77
N VAL A 132 7.69 -0.68 12.56
CA VAL A 132 8.32 -1.97 12.86
C VAL A 132 8.27 -2.88 11.63
N SER A 133 7.14 -2.89 10.94
CA SER A 133 6.96 -3.66 9.71
C SER A 133 7.95 -3.24 8.64
N THR A 134 8.18 -1.93 8.53
CA THR A 134 9.11 -1.37 7.53
C THR A 134 10.55 -1.81 7.81
N VAL A 135 10.92 -1.89 9.08
CA VAL A 135 12.24 -2.40 9.48
C VAL A 135 12.42 -3.85 9.05
N LEU A 136 11.42 -4.68 9.34
CA LEU A 136 11.51 -6.13 9.11
C LEU A 136 11.43 -6.51 7.63
N THR A 137 10.84 -5.64 6.81
CA THR A 137 10.80 -5.86 5.36
C THR A 137 11.86 -5.06 4.62
N SER A 138 12.94 -4.69 5.32
CA SER A 138 14.04 -3.94 4.71
C SER A 138 15.36 -4.68 4.83
N LYS A 139 16.07 -4.79 3.70
CA LYS A 139 17.38 -5.45 3.65
C LYS A 139 18.52 -4.43 3.81
N TYR A 140 18.78 -4.05 5.05
CA TYR A 140 19.84 -3.08 5.36
C TYR A 140 21.10 -3.76 5.88
N ARG A 141 21.02 -5.08 6.08
CA ARG A 141 22.13 -5.93 6.56
C ARG A 141 22.94 -5.36 7.75
N MET B 1 -18.13 -14.50 -1.79
CA MET B 1 -19.03 -14.02 -0.70
C MET B 1 -19.38 -15.14 0.30
N LEU B 2 -20.20 -14.81 1.30
CA LEU B 2 -20.56 -15.73 2.38
C LEU B 2 -21.42 -16.90 1.91
N THR B 3 -21.46 -17.94 2.73
CA THR B 3 -22.37 -19.08 2.50
C THR B 3 -23.65 -18.89 3.31
N ALA B 4 -24.27 -20.00 3.71
CA ALA B 4 -25.51 -19.95 4.50
C ALA B 4 -25.22 -19.80 5.99
N GLU B 5 -24.33 -20.65 6.50
CA GLU B 5 -23.93 -20.65 7.91
C GLU B 5 -23.19 -19.37 8.30
N GLU B 6 -22.30 -18.92 7.41
CA GLU B 6 -21.56 -17.68 7.61
C GLU B 6 -22.52 -16.49 7.62
N LYS B 7 -23.50 -16.51 6.70
CA LYS B 7 -24.45 -15.41 6.53
C LYS B 7 -25.40 -15.24 7.73
N ALA B 8 -25.93 -16.36 8.22
CA ALA B 8 -26.93 -16.35 9.29
C ALA B 8 -26.40 -15.77 10.61
N ALA B 9 -25.14 -16.05 10.91
CA ALA B 9 -24.51 -15.59 12.15
C ALA B 9 -24.03 -14.15 12.07
N VAL B 10 -23.64 -13.72 10.87
CA VAL B 10 -23.25 -12.33 10.58
C VAL B 10 -24.45 -11.40 10.71
N THR B 11 -25.63 -11.91 10.39
CA THR B 11 -26.91 -11.21 10.56
C THR B 11 -27.30 -11.15 12.05
N ALA B 12 -27.13 -12.27 12.75
CA ALA B 12 -27.46 -12.37 14.16
C ALA B 12 -26.69 -11.35 15.01
N PHE B 13 -25.38 -11.29 14.80
CA PHE B 13 -24.52 -10.37 15.54
C PHE B 13 -24.83 -8.91 15.24
N TRP B 14 -25.11 -8.60 13.98
CA TRP B 14 -25.36 -7.22 13.55
C TRP B 14 -26.60 -6.62 14.20
N GLY B 15 -27.55 -7.48 14.58
CA GLY B 15 -28.77 -7.05 15.27
C GLY B 15 -28.48 -6.36 16.59
N LYS B 16 -27.42 -6.81 17.27
CA LYS B 16 -27.03 -6.26 18.56
C LYS B 16 -26.25 -4.95 18.45
N VAL B 17 -25.89 -4.58 17.22
CA VAL B 17 -25.11 -3.37 16.96
C VAL B 17 -25.99 -2.13 17.02
N LYS B 18 -25.51 -1.11 17.74
CA LYS B 18 -26.18 0.19 17.82
C LYS B 18 -25.67 1.15 16.75
N VAL B 19 -26.44 1.26 15.68
CA VAL B 19 -26.11 2.03 14.48
C VAL B 19 -25.55 3.43 14.77
N ASP B 20 -26.25 4.16 15.63
CA ASP B 20 -25.89 5.54 15.97
C ASP B 20 -24.47 5.64 16.55
N GLU B 21 -24.19 4.80 17.55
CA GLU B 21 -22.97 4.92 18.34
C GLU B 21 -21.70 4.43 17.62
N VAL B 22 -21.84 3.40 16.79
CA VAL B 22 -20.71 2.78 16.09
C VAL B 22 -20.21 3.59 14.89
N GLY B 23 -21.15 4.26 14.22
CA GLY B 23 -20.85 5.04 13.03
C GLY B 23 -19.95 6.24 13.27
N GLY B 24 -20.23 6.97 14.34
CA GLY B 24 -19.46 8.16 14.70
C GLY B 24 -18.04 7.84 15.11
N GLU B 25 -17.89 6.76 15.88
CA GLU B 25 -16.60 6.27 16.33
C GLU B 25 -15.71 5.81 15.17
N ALA B 26 -16.31 5.10 14.22
CA ALA B 26 -15.56 4.57 13.07
C ALA B 26 -15.01 5.68 12.18
N LEU B 27 -15.86 6.63 11.79
CA LEU B 27 -15.46 7.73 10.93
C LEU B 27 -14.47 8.64 11.65
N GLY B 28 -14.73 8.87 12.94
CA GLY B 28 -13.80 9.62 13.78
C GLY B 28 -12.44 8.98 13.80
N ARG B 29 -12.37 7.71 14.20
CA ARG B 29 -11.12 6.96 14.26
C ARG B 29 -10.42 6.88 12.91
N LEU B 30 -11.19 6.88 11.83
CA LEU B 30 -10.63 6.93 10.47
C LEU B 30 -9.86 8.23 10.26
N LEU B 31 -10.42 9.34 10.74
CA LEU B 31 -9.81 10.67 10.61
C LEU B 31 -8.66 10.87 11.59
N VAL B 32 -8.71 10.16 12.71
CA VAL B 32 -7.67 10.25 13.74
C VAL B 32 -6.46 9.36 13.38
N VAL B 33 -6.73 8.10 13.04
CA VAL B 33 -5.69 7.11 12.73
C VAL B 33 -5.06 7.37 11.36
N TYR B 34 -5.89 7.73 10.39
CA TYR B 34 -5.43 8.06 9.04
C TYR B 34 -5.80 9.51 8.73
N PRO B 35 -4.92 10.46 9.09
CA PRO B 35 -5.25 11.88 9.12
C PRO B 35 -5.20 12.59 7.75
N TRP B 36 -4.80 11.88 6.70
CA TRP B 36 -4.85 12.43 5.34
C TRP B 36 -6.28 12.42 4.80
N THR B 37 -7.16 11.68 5.49
CA THR B 37 -8.56 11.57 5.11
C THR B 37 -9.38 12.78 5.57
N GLN B 38 -8.73 13.66 6.33
CA GLN B 38 -9.38 14.85 6.88
C GLN B 38 -9.61 15.94 5.83
N ARG B 39 -8.82 15.90 4.75
CA ARG B 39 -8.96 16.86 3.64
C ARG B 39 -10.32 16.75 2.96
N PHE B 40 -10.86 15.53 2.91
CA PHE B 40 -12.16 15.25 2.30
C PHE B 40 -13.32 15.82 3.11
N PHE B 41 -13.05 16.13 4.39
CA PHE B 41 -14.08 16.64 5.31
C PHE B 41 -13.73 18.01 5.91
N GLU B 42 -13.17 18.89 5.08
CA GLU B 42 -12.81 20.25 5.51
C GLU B 42 -14.04 21.05 5.94
N SER B 43 -15.16 20.79 5.28
CA SER B 43 -16.42 21.50 5.53
C SER B 43 -17.04 21.16 6.88
N PHE B 44 -16.52 20.13 7.53
CA PHE B 44 -17.12 19.60 8.76
C PHE B 44 -16.82 20.40 10.02
N GLY B 45 -15.94 21.40 9.90
CA GLY B 45 -15.68 22.34 11.00
C GLY B 45 -14.28 22.30 11.57
N ASP B 46 -14.16 21.75 12.78
CA ASP B 46 -12.89 21.67 13.49
C ASP B 46 -12.37 20.23 13.54
N LEU B 47 -11.09 20.06 13.22
CA LEU B 47 -10.47 18.74 13.15
C LEU B 47 -9.06 18.76 13.74
N SER B 48 -8.76 19.79 14.53
CA SER B 48 -7.41 20.02 15.08
C SER B 48 -6.86 18.87 15.94
N THR B 49 -7.56 18.59 17.05
CA THR B 49 -7.20 17.49 17.95
C THR B 49 -8.15 16.30 17.79
N ALA B 50 -7.72 15.14 18.29
CA ALA B 50 -8.52 13.92 18.22
C ALA B 50 -9.82 14.01 19.03
N ASP B 51 -9.81 14.83 20.08
CA ASP B 51 -10.98 15.06 20.91
C ASP B 51 -12.02 15.92 20.20
N ALA B 52 -11.53 16.91 19.43
CA ALA B 52 -12.39 17.76 18.62
C ALA B 52 -13.02 16.97 17.48
N VAL B 53 -12.25 16.01 16.95
CA VAL B 53 -12.71 15.12 15.90
C VAL B 53 -13.80 14.18 16.42
N MET B 54 -13.50 13.50 17.53
CA MET B 54 -14.41 12.50 18.11
C MET B 54 -15.68 13.09 18.71
N ASN B 55 -15.75 14.41 18.80
CA ASN B 55 -16.94 15.10 19.31
C ASN B 55 -17.62 16.02 18.30
N ASN B 56 -17.07 16.07 17.09
CA ASN B 56 -17.61 16.90 16.02
C ASN B 56 -18.98 16.42 15.56
N PRO B 57 -20.01 17.28 15.69
CA PRO B 57 -21.41 16.98 15.37
C PRO B 57 -21.66 16.55 13.93
N LYS B 58 -20.98 17.19 12.98
CA LYS B 58 -21.12 16.84 11.57
C LYS B 58 -20.52 15.46 11.27
N VAL B 59 -19.36 15.20 11.88
CA VAL B 59 -18.67 13.91 11.75
C VAL B 59 -19.56 12.77 12.22
N LYS B 60 -20.10 12.92 13.43
CA LYS B 60 -20.94 11.90 14.07
C LYS B 60 -22.27 11.72 13.33
N ALA B 61 -22.83 12.81 12.82
CA ALA B 61 -24.08 12.78 12.07
C ALA B 61 -23.91 12.06 10.74
N HIS B 62 -22.71 12.17 10.17
CA HIS B 62 -22.40 11.54 8.89
C HIS B 62 -22.04 10.07 9.04
N GLY B 63 -21.39 9.74 10.17
CA GLY B 63 -21.02 8.36 10.49
C GLY B 63 -22.25 7.47 10.60
N LYS B 64 -23.33 8.05 11.11
CA LYS B 64 -24.63 7.39 11.20
C LYS B 64 -25.15 7.00 9.81
N LYS B 65 -24.93 7.88 8.83
CA LYS B 65 -25.38 7.67 7.45
C LYS B 65 -24.63 6.55 6.74
N VAL B 66 -23.32 6.48 6.98
CA VAL B 66 -22.45 5.47 6.36
C VAL B 66 -22.78 4.07 6.89
N LEU B 67 -23.14 4.00 8.17
CA LEU B 67 -23.56 2.75 8.80
C LEU B 67 -24.93 2.30 8.34
N ASP B 68 -25.78 3.27 7.96
CA ASP B 68 -27.09 2.97 7.39
C ASP B 68 -26.95 2.40 5.98
N SER B 69 -25.92 2.84 5.27
CA SER B 69 -25.60 2.26 3.96
C SER B 69 -24.98 0.89 4.13
N PHE B 70 -24.35 0.67 5.27
CA PHE B 70 -23.72 -0.59 5.60
C PHE B 70 -24.75 -1.63 6.05
N SER B 71 -25.75 -1.17 6.80
CA SER B 71 -26.86 -2.01 7.26
C SER B 71 -27.68 -2.49 6.07
N ASN B 72 -27.90 -1.58 5.12
CA ASN B 72 -28.63 -1.88 3.90
C ASN B 72 -27.91 -2.93 3.06
N GLY B 73 -26.61 -2.74 2.90
CA GLY B 73 -25.78 -3.69 2.14
C GLY B 73 -25.68 -5.05 2.80
N MET B 74 -25.94 -5.10 4.11
CA MET B 74 -25.93 -6.35 4.86
C MET B 74 -27.17 -7.20 4.55
N LYS B 75 -28.24 -6.54 4.12
CA LYS B 75 -29.49 -7.22 3.76
C LYS B 75 -29.43 -7.76 2.32
N HIS B 76 -28.48 -7.22 1.55
CA HIS B 76 -28.32 -7.56 0.14
C HIS B 76 -26.96 -8.21 -0.15
N LEU B 77 -26.55 -9.13 0.72
CA LEU B 77 -25.22 -9.75 0.64
C LEU B 77 -25.02 -10.59 -0.61
N ASP B 78 -26.13 -11.00 -1.24
CA ASP B 78 -26.09 -11.76 -2.49
C ASP B 78 -25.59 -10.91 -3.67
N ASP B 79 -25.71 -9.60 -3.54
CA ASP B 79 -25.33 -8.65 -4.59
C ASP B 79 -24.95 -7.30 -3.99
N LEU B 80 -23.67 -7.11 -3.73
CA LEU B 80 -23.16 -5.86 -3.16
C LEU B 80 -22.78 -4.85 -4.23
N LYS B 81 -22.47 -5.37 -5.42
CA LYS B 81 -22.08 -4.55 -6.59
C LYS B 81 -23.20 -3.60 -7.00
N GLY B 82 -24.43 -4.09 -6.98
CA GLY B 82 -25.60 -3.30 -7.37
C GLY B 82 -26.14 -2.41 -6.27
N THR B 83 -25.95 -2.84 -5.02
CA THR B 83 -26.42 -2.09 -3.85
C THR B 83 -25.55 -0.85 -3.61
N PHE B 84 -24.24 -1.03 -3.75
CA PHE B 84 -23.28 0.06 -3.58
C PHE B 84 -22.89 0.67 -4.91
N ALA B 85 -23.74 0.47 -5.92
CA ALA B 85 -23.48 0.98 -7.27
C ALA B 85 -23.53 2.50 -7.33
N ALA B 86 -24.53 3.08 -6.65
CA ALA B 86 -24.73 4.52 -6.64
C ALA B 86 -23.57 5.26 -5.95
N LEU B 87 -23.30 4.90 -4.70
CA LEU B 87 -22.23 5.53 -3.91
C LEU B 87 -20.87 5.36 -4.56
N SER B 88 -20.69 4.25 -5.28
CA SER B 88 -19.47 3.97 -6.03
C SER B 88 -19.18 5.07 -7.05
N GLU B 89 -20.23 5.47 -7.78
CA GLU B 89 -20.11 6.52 -8.79
C GLU B 89 -19.89 7.89 -8.14
N LEU B 90 -20.38 8.05 -6.91
CA LEU B 90 -20.23 9.28 -6.16
C LEU B 90 -18.77 9.52 -5.71
N HIS B 91 -18.13 8.46 -5.20
CA HIS B 91 -16.78 8.56 -4.66
C HIS B 91 -15.70 8.74 -5.74
N CYS B 92 -16.04 8.41 -6.97
CA CYS B 92 -15.12 8.56 -8.11
C CYS B 92 -15.19 9.95 -8.74
N ASP B 93 -16.30 10.23 -9.42
CA ASP B 93 -16.45 11.42 -10.25
C ASP B 93 -16.54 12.72 -9.43
N LYS B 94 -17.20 12.65 -8.28
CA LYS B 94 -17.44 13.84 -7.46
C LYS B 94 -16.45 14.01 -6.31
N LEU B 95 -15.80 12.92 -5.88
CA LEU B 95 -14.98 12.95 -4.67
C LEU B 95 -13.52 12.54 -4.86
N HIS B 96 -13.26 11.74 -5.89
CA HIS B 96 -11.92 11.22 -6.21
C HIS B 96 -11.24 10.51 -5.02
N VAL B 97 -12.06 9.81 -4.24
CA VAL B 97 -11.57 9.00 -3.12
C VAL B 97 -10.85 7.79 -3.68
N ASP B 98 -9.59 7.62 -3.29
CA ASP B 98 -8.80 6.48 -3.71
C ASP B 98 -9.37 5.19 -3.15
N PRO B 99 -9.56 4.17 -4.00
CA PRO B 99 -10.11 2.86 -3.63
C PRO B 99 -9.39 2.17 -2.47
N GLU B 100 -8.13 2.55 -2.23
CA GLU B 100 -7.34 1.99 -1.14
C GLU B 100 -7.89 2.37 0.23
N ASN B 101 -8.48 3.56 0.32
CA ASN B 101 -9.00 4.09 1.58
C ASN B 101 -10.23 3.36 2.10
N PHE B 102 -10.92 2.64 1.21
CA PHE B 102 -12.07 1.82 1.61
C PHE B 102 -11.64 0.65 2.48
N LYS B 103 -10.47 0.09 2.18
CA LYS B 103 -9.90 -1.00 2.96
C LYS B 103 -9.68 -0.59 4.41
N LEU B 104 -9.20 0.64 4.59
CA LEU B 104 -8.87 1.16 5.91
C LEU B 104 -10.12 1.38 6.77
N LEU B 105 -11.19 1.87 6.15
CA LEU B 105 -12.46 2.11 6.84
C LEU B 105 -13.15 0.80 7.21
N GLY B 106 -13.13 -0.16 6.29
CA GLY B 106 -13.65 -1.50 6.55
C GLY B 106 -12.94 -2.11 7.75
N ASN B 107 -11.62 -1.91 7.79
CA ASN B 107 -10.79 -2.37 8.91
C ASN B 107 -11.07 -1.64 10.22
N VAL B 108 -11.28 -0.33 10.13
CA VAL B 108 -11.61 0.50 11.30
C VAL B 108 -12.94 0.03 11.91
N LEU B 109 -13.95 -0.14 11.06
CA LEU B 109 -15.27 -0.66 11.45
C LEU B 109 -15.17 -1.96 12.25
N VAL B 110 -14.31 -2.87 11.79
CA VAL B 110 -14.05 -4.15 12.45
C VAL B 110 -13.44 -3.96 13.84
N VAL B 111 -12.43 -3.08 13.93
CA VAL B 111 -11.81 -2.75 15.22
C VAL B 111 -12.84 -2.12 16.16
N VAL B 112 -13.69 -1.25 15.61
CA VAL B 112 -14.74 -0.59 16.38
C VAL B 112 -15.76 -1.60 16.91
N LEU B 113 -16.10 -2.59 16.09
CA LEU B 113 -16.97 -3.70 16.52
C LEU B 113 -16.35 -4.49 17.66
N ALA B 114 -15.05 -4.79 17.54
CA ALA B 114 -14.31 -5.60 18.51
C ALA B 114 -14.17 -4.93 19.88
N ARG B 115 -13.92 -3.63 19.87
CA ARG B 115 -13.82 -2.87 21.11
C ARG B 115 -15.13 -2.93 21.88
N ASN B 116 -16.23 -2.64 21.19
CA ASN B 116 -17.55 -2.58 21.80
C ASN B 116 -18.19 -3.93 22.13
N PHE B 117 -17.51 -5.02 21.79
CA PHE B 117 -18.03 -6.35 22.05
C PHE B 117 -17.02 -7.33 22.64
N GLY B 118 -15.79 -6.87 22.86
CA GLY B 118 -14.76 -7.70 23.49
C GLY B 118 -14.65 -9.13 22.98
N LYS B 119 -14.85 -10.09 23.88
CA LYS B 119 -14.74 -11.51 23.55
C LYS B 119 -15.94 -12.01 22.73
N GLU B 120 -17.08 -11.34 22.91
CA GLU B 120 -18.33 -11.67 22.21
C GLU B 120 -18.14 -11.59 20.69
N PHE B 121 -17.15 -10.81 20.27
CA PHE B 121 -16.74 -10.74 18.87
C PHE B 121 -15.65 -11.78 18.61
N THR B 122 -16.05 -13.05 18.59
CA THR B 122 -15.13 -14.19 18.45
C THR B 122 -14.24 -14.11 17.21
N PRO B 123 -13.02 -14.67 17.30
CA PRO B 123 -12.08 -14.75 16.16
C PRO B 123 -12.71 -15.30 14.88
N VAL B 124 -13.66 -16.23 15.01
CA VAL B 124 -14.41 -16.75 13.87
C VAL B 124 -15.45 -15.74 13.40
N LEU B 125 -16.11 -15.07 14.34
CA LEU B 125 -17.09 -14.05 14.02
C LEU B 125 -16.45 -12.83 13.35
N GLN B 126 -15.16 -12.61 13.62
CA GLN B 126 -14.38 -11.54 13.01
C GLN B 126 -14.07 -11.87 11.56
N ALA B 127 -13.57 -13.08 11.34
CA ALA B 127 -13.18 -13.55 10.01
C ALA B 127 -14.32 -13.50 8.99
N ASP B 128 -15.54 -13.78 9.46
CA ASP B 128 -16.73 -13.72 8.62
C ASP B 128 -17.08 -12.29 8.24
N PHE B 129 -16.83 -11.37 9.16
CA PHE B 129 -17.01 -9.94 8.90
C PHE B 129 -15.90 -9.35 8.03
N GLN B 130 -14.75 -10.04 7.98
CA GLN B 130 -13.66 -9.63 7.11
C GLN B 130 -14.00 -9.87 5.64
N LYS B 131 -14.88 -10.84 5.40
CA LYS B 131 -15.39 -11.11 4.04
C LYS B 131 -16.42 -10.07 3.62
N VAL B 132 -17.17 -9.55 4.60
CA VAL B 132 -18.20 -8.56 4.36
C VAL B 132 -17.59 -7.20 4.02
N VAL B 133 -16.74 -6.69 4.89
CA VAL B 133 -16.11 -5.37 4.70
C VAL B 133 -15.17 -5.33 3.48
N ALA B 134 -14.66 -6.49 3.09
CA ALA B 134 -13.85 -6.61 1.88
C ALA B 134 -14.75 -6.77 0.65
N GLY B 135 -15.89 -7.44 0.85
CA GLY B 135 -16.91 -7.59 -0.18
C GLY B 135 -17.52 -6.25 -0.53
N VAL B 136 -17.70 -5.40 0.48
CA VAL B 136 -18.18 -4.04 0.30
C VAL B 136 -17.08 -3.19 -0.34
N ALA B 137 -15.86 -3.34 0.14
CA ALA B 137 -14.70 -2.60 -0.36
C ALA B 137 -14.55 -2.69 -1.88
N ASN B 138 -14.79 -3.87 -2.44
CA ASN B 138 -14.70 -4.10 -3.88
C ASN B 138 -15.86 -3.45 -4.65
N ALA B 139 -17.01 -3.37 -3.99
CA ALA B 139 -18.22 -2.83 -4.61
C ALA B 139 -18.15 -1.31 -4.80
N LEU B 140 -17.44 -0.63 -3.91
CA LEU B 140 -17.24 0.82 -4.02
C LEU B 140 -16.07 1.19 -4.91
N ALA B 141 -15.33 0.19 -5.36
CA ALA B 141 -14.19 0.41 -6.24
C ALA B 141 -14.43 -0.20 -7.64
N HIS B 142 -15.69 -0.53 -7.92
CA HIS B 142 -16.06 -1.21 -9.16
C HIS B 142 -15.95 -0.33 -10.40
N ARG B 143 -15.82 0.99 -10.19
CA ARG B 143 -15.52 1.93 -11.27
C ARG B 143 -14.03 1.93 -11.57
N TYR B 144 -13.23 1.56 -10.59
CA TYR B 144 -11.77 1.49 -10.73
C TYR B 144 -11.28 0.09 -11.12
N HIS B 145 -12.10 -0.93 -10.82
CA HIS B 145 -11.79 -2.32 -11.17
C HIS B 145 -11.91 -2.59 -12.68
N VAL C 1 14.28 1.48 5.70
CA VAL C 1 15.66 1.80 6.13
C VAL C 1 16.70 1.36 5.09
N LEU C 2 17.62 2.28 4.77
CA LEU C 2 18.59 2.10 3.68
C LEU C 2 19.87 1.39 4.13
N SER C 3 20.49 0.66 3.21
CA SER C 3 21.83 0.12 3.41
C SER C 3 22.85 1.21 3.12
N ALA C 4 24.09 0.99 3.58
CA ALA C 4 25.21 1.83 3.17
C ALA C 4 25.31 1.78 1.65
N ALA C 5 25.09 0.58 1.10
CA ALA C 5 25.04 0.34 -0.34
C ALA C 5 23.90 1.11 -1.01
N ASP C 6 22.75 1.19 -0.35
CA ASP C 6 21.62 1.97 -0.85
C ASP C 6 21.98 3.44 -0.92
N LYS C 7 22.67 3.93 0.10
CA LYS C 7 23.05 5.34 0.21
C LYS C 7 24.15 5.74 -0.78
N GLY C 8 25.08 4.82 -1.03
CA GLY C 8 26.11 5.03 -2.06
C GLY C 8 25.51 5.15 -3.44
N ASN C 9 24.61 4.21 -3.76
CA ASN C 9 23.89 4.19 -5.05
C ASN C 9 23.10 5.47 -5.30
N VAL C 10 22.38 5.93 -4.28
CA VAL C 10 21.60 7.16 -4.36
C VAL C 10 22.50 8.37 -4.58
N LYS C 11 23.55 8.50 -3.77
CA LYS C 11 24.51 9.59 -3.87
C LYS C 11 25.21 9.66 -5.24
N ALA C 12 25.52 8.50 -5.79
CA ALA C 12 26.14 8.42 -7.11
C ALA C 12 25.15 8.80 -8.22
N ALA C 13 23.93 8.29 -8.11
CA ALA C 13 22.88 8.55 -9.10
C ALA C 13 22.59 10.04 -9.25
N TRP C 14 22.51 10.75 -8.13
CA TRP C 14 22.24 12.19 -8.11
C TRP C 14 23.47 12.99 -8.54
N GLY C 15 24.65 12.39 -8.38
CA GLY C 15 25.89 12.96 -8.90
C GLY C 15 25.93 12.96 -10.42
N LYS C 16 25.15 12.07 -11.02
CA LYS C 16 25.00 11.99 -12.47
C LYS C 16 23.86 12.86 -13.00
N VAL C 17 22.86 13.10 -12.15
CA VAL C 17 21.73 13.99 -12.48
C VAL C 17 22.22 15.43 -12.63
N GLY C 18 23.07 15.86 -11.70
CA GLY C 18 23.74 17.16 -11.76
C GLY C 18 22.79 18.34 -11.85
N GLY C 19 23.04 19.21 -12.82
CA GLY C 19 22.24 20.42 -13.02
C GLY C 19 20.88 20.19 -13.66
N HIS C 20 20.66 18.98 -14.17
CA HIS C 20 19.42 18.62 -14.85
C HIS C 20 18.29 18.25 -13.88
N ALA C 21 18.53 18.49 -12.59
CA ALA C 21 17.55 18.23 -11.54
C ALA C 21 16.23 18.95 -11.78
N ALA C 22 16.33 20.24 -12.12
CA ALA C 22 15.16 21.08 -12.42
C ALA C 22 14.41 20.58 -13.67
N GLU C 23 15.17 20.12 -14.66
CA GLU C 23 14.60 19.60 -15.90
C GLU C 23 13.79 18.33 -15.68
N TYR C 24 14.27 17.46 -14.79
CA TYR C 24 13.59 16.20 -14.49
C TYR C 24 12.50 16.41 -13.45
N GLY C 25 12.74 17.35 -12.54
CA GLY C 25 11.74 17.75 -11.55
C GLY C 25 10.48 18.23 -12.26
N ALA C 26 10.67 19.15 -13.21
CA ALA C 26 9.57 19.68 -14.03
C ALA C 26 8.93 18.60 -14.91
N GLU C 27 9.75 17.69 -15.44
CA GLU C 27 9.28 16.59 -16.27
C GLU C 27 8.47 15.58 -15.47
N ALA C 28 8.86 15.37 -14.21
CA ALA C 28 8.19 14.42 -13.32
C ALA C 28 6.72 14.77 -13.09
N LEU C 29 6.45 16.05 -12.84
CA LEU C 29 5.09 16.53 -12.59
C LEU C 29 4.28 16.51 -13.88
N GLU C 30 4.90 17.03 -14.95
CA GLU C 30 4.33 17.01 -16.29
C GLU C 30 3.79 15.62 -16.60
N ARG C 31 4.57 14.59 -16.25
CA ARG C 31 4.19 13.19 -16.43
C ARG C 31 3.09 12.76 -15.46
N MET C 32 3.15 13.26 -14.23
CA MET C 32 2.20 12.88 -13.18
C MET C 32 0.77 13.35 -13.49
N PHE C 33 0.63 14.61 -13.89
CA PHE C 33 -0.67 15.21 -14.19
C PHE C 33 -1.31 14.55 -15.41
N LEU C 34 -0.49 14.21 -16.39
CA LEU C 34 -0.96 13.56 -17.62
C LEU C 34 -1.31 12.09 -17.40
N SER C 35 -0.44 11.36 -16.71
CA SER C 35 -0.62 9.93 -16.48
C SER C 35 -1.75 9.63 -15.51
N PHE C 36 -1.83 10.44 -14.44
CA PHE C 36 -2.85 10.27 -13.42
C PHE C 36 -3.58 11.62 -13.17
N PRO C 37 -4.69 11.85 -13.88
CA PRO C 37 -5.44 13.11 -13.86
C PRO C 37 -5.85 13.61 -12.47
N THR C 38 -6.07 12.68 -11.53
CA THR C 38 -6.54 13.02 -10.18
C THR C 38 -5.58 13.91 -9.40
N THR C 39 -4.30 13.84 -9.73
CA THR C 39 -3.25 14.60 -9.04
C THR C 39 -3.25 16.09 -9.40
N LYS C 40 -4.15 16.49 -10.30
CA LYS C 40 -4.35 17.88 -10.66
C LYS C 40 -5.22 18.61 -9.63
N THR C 41 -5.94 17.84 -8.83
CA THR C 41 -6.91 18.38 -7.86
C THR C 41 -6.25 19.07 -6.66
N TYR C 42 -4.98 18.76 -6.44
CA TYR C 42 -4.18 19.43 -5.41
C TYR C 42 -3.64 20.76 -5.95
N PHE C 43 -3.86 20.99 -7.24
CA PHE C 43 -3.36 22.19 -7.92
C PHE C 43 -4.47 22.87 -8.73
N PRO C 44 -5.50 23.40 -8.04
CA PRO C 44 -6.55 24.07 -8.80
C PRO C 44 -6.13 25.48 -9.24
N HIS C 45 -5.12 26.02 -8.57
CA HIS C 45 -4.62 27.38 -8.81
C HIS C 45 -3.47 27.38 -9.82
N PHE C 46 -2.99 26.20 -10.16
CA PHE C 46 -1.86 26.05 -11.08
C PHE C 46 -2.27 26.14 -12.54
N ASP C 47 -1.31 26.55 -13.38
CA ASP C 47 -1.44 26.45 -14.83
C ASP C 47 -0.92 25.07 -15.22
N LEU C 48 -1.79 24.26 -15.82
CA LEU C 48 -1.46 22.87 -16.13
C LEU C 48 -1.40 22.56 -17.62
N SER C 49 -1.45 23.60 -18.45
CA SER C 49 -1.34 23.48 -19.90
C SER C 49 0.09 23.11 -20.32
N HIS C 50 0.19 22.23 -21.31
CA HIS C 50 1.45 21.61 -21.72
C HIS C 50 2.59 22.61 -21.90
N GLY C 51 3.61 22.48 -21.06
CA GLY C 51 4.81 23.33 -21.11
C GLY C 51 4.72 24.56 -20.24
N SER C 52 3.84 24.52 -19.23
CA SER C 52 3.61 25.65 -18.32
C SER C 52 4.89 26.18 -17.70
N ALA C 53 4.96 27.50 -17.55
CA ALA C 53 6.10 28.14 -16.91
C ALA C 53 6.06 27.94 -15.40
N GLN C 54 4.86 27.82 -14.85
CA GLN C 54 4.66 27.62 -13.41
C GLN C 54 5.16 26.26 -12.96
N VAL C 55 4.83 25.22 -13.74
CA VAL C 55 5.24 23.85 -13.44
C VAL C 55 6.77 23.72 -13.50
N LYS C 56 7.39 24.41 -14.44
CA LYS C 56 8.86 24.44 -14.58
C LYS C 56 9.56 25.18 -13.43
N GLY C 57 8.89 26.20 -12.90
CA GLY C 57 9.40 26.95 -11.75
C GLY C 57 9.20 26.17 -10.46
N HIS C 58 8.19 25.32 -10.45
CA HIS C 58 7.84 24.51 -9.28
C HIS C 58 8.61 23.19 -9.24
N GLY C 59 8.84 22.60 -10.41
CA GLY C 59 9.62 21.36 -10.53
C GLY C 59 11.01 21.52 -9.95
N ALA C 60 11.59 22.71 -10.12
CA ALA C 60 12.89 23.06 -9.56
C ALA C 60 12.90 23.07 -8.03
N LYS C 61 11.75 23.38 -7.44
CA LYS C 61 11.59 23.35 -5.99
C LYS C 61 11.70 21.92 -5.45
N VAL C 62 10.97 20.99 -6.09
CA VAL C 62 10.94 19.59 -5.71
C VAL C 62 12.34 18.97 -5.76
N ALA C 63 13.04 19.24 -6.85
CA ALA C 63 14.39 18.72 -7.07
C ALA C 63 15.42 19.36 -6.15
N ALA C 64 15.18 20.62 -5.76
CA ALA C 64 16.01 21.30 -4.77
C ALA C 64 15.79 20.73 -3.37
N ALA C 65 14.60 20.14 -3.15
CA ALA C 65 14.25 19.50 -1.88
C ALA C 65 14.82 18.09 -1.78
N LEU C 66 14.80 17.37 -2.90
CA LEU C 66 15.34 16.01 -2.95
C LEU C 66 16.86 16.00 -2.84
N THR C 67 17.49 17.08 -3.32
CA THR C 67 18.95 17.22 -3.27
C THR C 67 19.47 17.48 -1.85
N LYS C 68 18.63 18.09 -1.02
CA LYS C 68 18.95 18.27 0.39
C LYS C 68 18.86 16.92 1.11
N ALA C 69 17.82 16.16 0.80
CA ALA C 69 17.59 14.84 1.39
C ALA C 69 18.76 13.90 1.14
N VAL C 70 19.42 14.05 0.00
CA VAL C 70 20.60 13.24 -0.36
C VAL C 70 21.78 13.61 0.54
N GLU C 71 21.91 14.90 0.84
CA GLU C 71 22.98 15.41 1.70
C GLU C 71 22.80 14.96 3.16
N HIS C 72 21.56 14.69 3.55
CA HIS C 72 21.23 14.33 4.92
C HIS C 72 20.41 13.05 4.97
N LEU C 73 20.99 11.96 4.45
CA LEU C 73 20.32 10.65 4.38
C LEU C 73 20.22 9.98 5.75
N ASP C 74 21.07 10.41 6.68
CA ASP C 74 21.07 9.88 8.04
C ASP C 74 20.11 10.64 8.96
N ASP C 75 19.54 11.73 8.44
CA ASP C 75 18.52 12.51 9.14
C ASP C 75 17.52 13.11 8.16
N LEU C 76 16.64 12.27 7.62
CA LEU C 76 15.57 12.71 6.74
C LEU C 76 14.47 13.47 7.49
N PRO C 77 14.12 13.03 8.72
CA PRO C 77 13.10 13.76 9.48
C PRO C 77 13.48 15.21 9.82
N GLY C 78 14.70 15.41 10.33
CA GLY C 78 15.18 16.73 10.74
C GLY C 78 15.33 17.71 9.58
N ALA C 79 15.84 17.21 8.46
CA ALA C 79 16.04 18.02 7.26
C ALA C 79 14.72 18.40 6.59
N LEU C 80 13.74 17.51 6.64
CA LEU C 80 12.46 17.73 5.95
C LEU C 80 11.30 17.97 6.91
N SER C 81 11.59 18.68 8.00
CA SER C 81 10.58 18.94 9.03
C SER C 81 9.55 19.95 8.55
N GLU C 82 10.00 20.92 7.76
CA GLU C 82 9.16 22.02 7.30
C GLU C 82 8.26 21.59 6.13
N LEU C 83 8.68 20.54 5.43
CA LEU C 83 7.93 20.00 4.32
C LEU C 83 6.85 19.02 4.77
N SER C 84 6.99 18.49 5.99
CA SER C 84 5.97 17.67 6.64
C SER C 84 4.90 18.57 7.25
N ASP C 85 5.29 19.80 7.55
CA ASP C 85 4.40 20.83 8.06
C ASP C 85 3.35 21.15 6.99
N LEU C 86 3.78 21.12 5.73
CA LEU C 86 2.94 21.47 4.59
C LEU C 86 2.17 20.26 4.05
N HIS C 87 2.91 19.27 3.53
CA HIS C 87 2.31 18.11 2.86
C HIS C 87 1.42 17.22 3.74
N ALA C 88 1.63 17.26 5.06
CA ALA C 88 0.91 16.36 5.96
C ALA C 88 -0.16 17.03 6.81
N HIS C 89 0.20 18.10 7.50
CA HIS C 89 -0.71 18.79 8.41
C HIS C 89 -1.56 19.86 7.71
N LYS C 90 -0.97 20.52 6.71
CA LYS C 90 -1.63 21.61 5.97
C LYS C 90 -2.40 21.15 4.74
N LEU C 91 -1.70 20.60 3.75
CA LEU C 91 -2.34 20.16 2.51
C LEU C 91 -3.05 18.83 2.67
N ARG C 92 -2.59 18.03 3.65
CA ARG C 92 -3.17 16.72 3.99
C ARG C 92 -3.18 15.75 2.81
N VAL C 93 -2.04 15.66 2.12
CA VAL C 93 -1.92 14.89 0.89
C VAL C 93 -1.97 13.39 1.12
N ASP C 94 -2.87 12.72 0.38
CA ASP C 94 -2.99 11.26 0.37
C ASP C 94 -1.64 10.64 0.01
N PRO C 95 -1.18 9.64 0.79
CA PRO C 95 0.09 8.97 0.55
C PRO C 95 0.17 8.17 -0.75
N VAL C 96 -0.98 7.82 -1.33
CA VAL C 96 -1.01 7.06 -2.60
C VAL C 96 -0.51 7.90 -3.78
N ASN C 97 -0.62 9.22 -3.67
CA ASN C 97 -0.12 10.14 -4.68
C ASN C 97 1.41 10.14 -4.69
N PHE C 98 2.00 10.01 -3.51
CA PHE C 98 3.45 9.92 -3.33
C PHE C 98 4.07 8.75 -4.10
N LYS C 99 3.30 7.67 -4.23
CA LYS C 99 3.70 6.50 -5.02
C LYS C 99 3.67 6.83 -6.50
N LEU C 100 2.71 7.67 -6.90
CA LEU C 100 2.52 8.05 -8.30
C LEU C 100 3.58 9.03 -8.77
N LEU C 101 3.95 9.97 -7.91
CA LEU C 101 5.00 10.93 -8.22
C LEU C 101 6.35 10.23 -8.33
N SER C 102 6.66 9.37 -7.35
CA SER C 102 7.91 8.62 -7.32
C SER C 102 8.05 7.72 -8.54
N HIS C 103 6.94 7.12 -8.97
CA HIS C 103 6.90 6.32 -10.19
C HIS C 103 7.15 7.20 -11.42
N SER C 104 6.52 8.37 -11.45
CA SER C 104 6.71 9.33 -12.53
C SER C 104 8.11 9.93 -12.52
N LEU C 105 8.71 10.01 -11.34
CA LEU C 105 10.09 10.47 -11.23
C LEU C 105 11.05 9.39 -11.69
N LEU C 106 10.84 8.16 -11.22
CA LEU C 106 11.69 7.01 -11.59
C LEU C 106 11.71 6.75 -13.10
N VAL C 107 10.58 6.96 -13.75
CA VAL C 107 10.48 6.85 -15.21
C VAL C 107 11.34 7.93 -15.88
N THR C 108 11.26 9.15 -15.35
CA THR C 108 12.03 10.28 -15.88
C THR C 108 13.54 10.01 -15.83
N LEU C 109 14.02 9.54 -14.67
CA LEU C 109 15.44 9.24 -14.50
C LEU C 109 15.91 8.09 -15.38
N ALA C 110 15.00 7.17 -15.67
CA ALA C 110 15.29 6.00 -16.50
C ALA C 110 15.50 6.36 -17.97
N SER C 111 14.69 7.30 -18.46
CA SER C 111 14.72 7.71 -19.87
C SER C 111 16.00 8.47 -20.21
N HIS C 112 16.44 9.31 -19.28
CA HIS C 112 17.61 10.16 -19.49
C HIS C 112 18.92 9.48 -19.13
N LEU C 113 18.86 8.58 -18.14
CA LEU C 113 20.03 7.84 -17.70
C LEU C 113 19.85 6.32 -17.85
N PRO C 114 19.79 5.81 -19.10
CA PRO C 114 19.70 4.36 -19.27
C PRO C 114 21.02 3.63 -18.99
N SER C 115 22.13 4.37 -19.01
CA SER C 115 23.45 3.81 -18.73
C SER C 115 23.76 3.73 -17.24
N ASP C 116 23.04 4.51 -16.45
CA ASP C 116 23.32 4.64 -15.01
C ASP C 116 22.14 4.17 -14.15
N PHE C 117 21.02 3.87 -14.79
CA PHE C 117 19.82 3.40 -14.09
C PHE C 117 19.78 1.87 -14.09
N THR C 118 20.72 1.28 -13.36
CA THR C 118 20.80 -0.18 -13.24
C THR C 118 19.85 -0.69 -12.16
N PRO C 119 19.40 -1.96 -12.28
CA PRO C 119 18.49 -2.57 -11.30
C PRO C 119 18.92 -2.41 -9.85
N ALA C 120 20.23 -2.40 -9.62
CA ALA C 120 20.80 -2.20 -8.28
C ALA C 120 20.50 -0.80 -7.75
N VAL C 121 20.52 0.18 -8.66
CA VAL C 121 20.23 1.57 -8.33
C VAL C 121 18.72 1.76 -8.24
N HIS C 122 17.99 1.08 -9.12
CA HIS C 122 16.52 1.13 -9.17
C HIS C 122 15.90 0.83 -7.80
N ALA C 123 16.34 -0.26 -7.17
CA ALA C 123 15.86 -0.65 -5.85
C ALA C 123 16.15 0.42 -4.79
N SER C 124 17.36 0.97 -4.84
CA SER C 124 17.84 1.94 -3.84
C SER C 124 17.08 3.26 -3.87
N LEU C 125 16.80 3.75 -5.08
CA LEU C 125 16.03 4.98 -5.25
C LEU C 125 14.56 4.77 -4.90
N ASP C 126 14.06 3.57 -5.19
CA ASP C 126 12.69 3.21 -4.83
C ASP C 126 12.50 3.26 -3.32
N LYS C 127 13.50 2.74 -2.58
CA LYS C 127 13.50 2.81 -1.13
C LYS C 127 13.70 4.24 -0.63
N PHE C 128 14.60 4.98 -1.28
CA PHE C 128 14.92 6.37 -0.94
C PHE C 128 13.70 7.29 -1.00
N LEU C 129 12.96 7.23 -2.11
CA LEU C 129 11.78 8.07 -2.30
C LEU C 129 10.63 7.68 -1.38
N ALA C 130 10.52 6.39 -1.10
CA ALA C 130 9.48 5.87 -0.19
C ALA C 130 9.78 6.20 1.27
N ASN C 131 11.03 6.59 1.54
CA ASN C 131 11.43 7.10 2.86
C ASN C 131 11.21 8.60 3.01
N VAL C 132 11.42 9.33 1.91
CA VAL C 132 11.06 10.74 1.85
C VAL C 132 9.54 10.85 1.93
N SER C 133 8.84 9.99 1.19
CA SER C 133 7.37 9.95 1.19
C SER C 133 6.77 9.69 2.57
N THR C 134 7.40 8.78 3.33
CA THR C 134 6.93 8.45 4.67
C THR C 134 7.06 9.65 5.61
N VAL C 135 8.17 10.38 5.49
CA VAL C 135 8.41 11.56 6.32
C VAL C 135 7.35 12.64 6.07
N LEU C 136 7.07 12.89 4.78
CA LEU C 136 6.15 13.96 4.38
C LEU C 136 4.69 13.65 4.66
N THR C 137 4.41 12.39 4.97
CA THR C 137 3.04 11.95 5.27
C THR C 137 2.78 11.81 6.76
N SER C 138 3.85 11.76 7.56
CA SER C 138 3.74 11.55 9.01
C SER C 138 3.69 12.86 9.80
N LYS C 139 2.78 12.92 10.78
CA LYS C 139 2.71 14.01 11.74
C LYS C 139 3.57 13.68 12.95
N TYR C 140 4.72 14.34 13.07
CA TYR C 140 5.67 14.02 14.14
C TYR C 140 6.13 15.20 15.00
N ARG C 141 5.57 16.38 14.74
CA ARG C 141 5.83 17.57 15.55
C ARG C 141 4.86 17.65 16.73
N MET D 1 -11.58 0.41 -22.91
CA MET D 1 -10.78 1.21 -21.95
C MET D 1 -10.24 2.49 -22.60
N LEU D 2 -9.37 2.32 -23.59
CA LEU D 2 -8.81 3.44 -24.34
C LEU D 2 -9.81 3.90 -25.40
N THR D 3 -9.65 5.13 -25.86
CA THR D 3 -10.41 5.63 -27.02
C THR D 3 -9.74 5.14 -28.31
N ALA D 4 -10.33 5.50 -29.45
CA ALA D 4 -9.81 5.08 -30.75
C ALA D 4 -8.44 5.70 -31.08
N GLU D 5 -8.24 6.94 -30.64
CA GLU D 5 -6.98 7.66 -30.84
C GLU D 5 -5.88 7.13 -29.92
N GLU D 6 -6.29 6.66 -28.74
CA GLU D 6 -5.38 6.14 -27.74
C GLU D 6 -4.98 4.67 -28.01
N LYS D 7 -5.64 4.04 -28.98
CA LYS D 7 -5.31 2.66 -29.37
C LYS D 7 -4.22 2.61 -30.44
N ALA D 8 -4.17 3.64 -31.28
CA ALA D 8 -3.28 3.67 -32.44
C ALA D 8 -1.80 3.80 -32.06
N ALA D 9 -1.50 4.80 -31.23
CA ALA D 9 -0.12 5.09 -30.84
C ALA D 9 0.44 4.08 -29.84
N VAL D 10 -0.45 3.44 -29.07
CA VAL D 10 -0.06 2.42 -28.11
C VAL D 10 0.34 1.11 -28.79
N THR D 11 -0.24 0.85 -29.97
CA THR D 11 0.04 -0.36 -30.75
C THR D 11 1.22 -0.16 -31.68
N ALA D 12 1.30 1.04 -32.28
CA ALA D 12 2.39 1.40 -33.18
C ALA D 12 3.73 1.40 -32.45
N PHE D 13 3.71 1.84 -31.20
CA PHE D 13 4.90 1.83 -30.36
C PHE D 13 5.26 0.41 -29.95
N TRP D 14 4.25 -0.40 -29.65
CA TRP D 14 4.44 -1.77 -29.18
C TRP D 14 5.17 -2.67 -30.19
N GLY D 15 4.99 -2.38 -31.47
CA GLY D 15 5.65 -3.12 -32.54
C GLY D 15 7.16 -2.93 -32.57
N LYS D 16 7.61 -1.79 -32.05
CA LYS D 16 9.03 -1.46 -31.97
C LYS D 16 9.73 -2.10 -30.77
N VAL D 17 8.92 -2.62 -29.84
CA VAL D 17 9.41 -3.22 -28.59
C VAL D 17 9.96 -4.63 -28.83
N LYS D 18 11.20 -4.86 -28.39
CA LYS D 18 11.81 -6.18 -28.42
C LYS D 18 11.30 -7.00 -27.24
N VAL D 19 10.55 -8.06 -27.53
CA VAL D 19 9.81 -8.81 -26.52
C VAL D 19 10.70 -9.69 -25.63
N ASP D 20 11.92 -9.96 -26.09
CA ASP D 20 12.87 -10.78 -25.33
C ASP D 20 13.71 -9.94 -24.38
N GLU D 21 14.34 -8.90 -24.93
CA GLU D 21 15.21 -7.98 -24.17
C GLU D 21 14.49 -7.30 -23.02
N VAL D 22 13.29 -6.77 -23.29
CA VAL D 22 12.49 -6.05 -22.30
C VAL D 22 11.88 -7.02 -21.26
N GLY D 23 11.39 -8.15 -21.74
CA GLY D 23 10.76 -9.17 -20.89
C GLY D 23 11.66 -9.67 -19.79
N GLY D 24 12.92 -9.95 -20.15
CA GLY D 24 13.91 -10.45 -19.19
C GLY D 24 14.47 -9.37 -18.30
N GLU D 25 14.14 -8.11 -18.59
CA GLU D 25 14.59 -6.98 -17.79
C GLU D 25 13.53 -6.54 -16.78
N ALA D 26 12.28 -6.50 -17.23
CA ALA D 26 11.15 -6.09 -16.38
C ALA D 26 10.99 -7.05 -15.21
N LEU D 27 11.06 -8.35 -15.50
CA LEU D 27 10.98 -9.38 -14.47
C LEU D 27 12.24 -9.41 -13.63
N GLY D 28 13.37 -9.14 -14.26
CA GLY D 28 14.64 -9.03 -13.55
C GLY D 28 14.52 -8.02 -12.42
N ARG D 29 14.14 -6.79 -12.78
CA ARG D 29 14.03 -5.68 -11.82
C ARG D 29 12.96 -5.92 -10.75
N LEU D 30 11.90 -6.63 -11.13
CA LEU D 30 10.82 -6.96 -10.21
C LEU D 30 11.35 -7.77 -9.01
N LEU D 31 12.37 -8.57 -9.27
CA LEU D 31 12.96 -9.42 -8.23
C LEU D 31 14.10 -8.71 -7.48
N VAL D 32 14.63 -7.63 -8.05
CA VAL D 32 15.65 -6.82 -7.38
C VAL D 32 14.99 -5.73 -6.54
N VAL D 33 14.18 -4.89 -7.18
CA VAL D 33 13.51 -3.75 -6.52
C VAL D 33 12.52 -4.22 -5.46
N TYR D 34 11.78 -5.28 -5.79
CA TYR D 34 10.81 -5.87 -4.86
C TYR D 34 11.26 -7.29 -4.52
N PRO D 35 12.17 -7.43 -3.53
CA PRO D 35 12.85 -8.69 -3.26
C PRO D 35 11.93 -9.82 -2.81
N TRP D 36 10.83 -9.47 -2.14
CA TRP D 36 9.88 -10.47 -1.64
C TRP D 36 9.20 -11.27 -2.76
N THR D 37 9.38 -10.83 -4.00
CA THR D 37 8.84 -11.52 -5.16
C THR D 37 9.67 -12.76 -5.50
N GLN D 38 10.90 -12.80 -4.99
CA GLN D 38 11.79 -13.94 -5.19
C GLN D 38 11.24 -15.22 -4.56
N ARG D 39 10.32 -15.06 -3.62
CA ARG D 39 9.73 -16.19 -2.90
C ARG D 39 8.95 -17.10 -3.85
N PHE D 40 8.41 -16.52 -4.91
CA PHE D 40 7.61 -17.27 -5.88
C PHE D 40 8.47 -18.09 -6.86
N PHE D 41 9.77 -17.82 -6.90
CA PHE D 41 10.68 -18.49 -7.82
C PHE D 41 11.87 -19.13 -7.09
N GLU D 42 11.56 -20.03 -6.16
CA GLU D 42 12.57 -20.75 -5.38
C GLU D 42 13.29 -21.76 -6.27
N SER D 43 12.54 -22.39 -7.18
CA SER D 43 13.07 -23.39 -8.10
C SER D 43 14.04 -22.79 -9.12
N PHE D 44 13.96 -21.48 -9.31
CA PHE D 44 14.65 -20.77 -10.39
C PHE D 44 16.17 -20.67 -10.24
N GLY D 45 16.69 -20.91 -9.04
CA GLY D 45 18.13 -20.98 -8.82
C GLY D 45 18.70 -19.86 -7.98
N ASP D 46 19.85 -19.34 -8.37
CA ASP D 46 20.55 -18.30 -7.64
C ASP D 46 19.97 -16.91 -7.90
N LEU D 47 19.39 -16.33 -6.86
CA LEU D 47 18.85 -14.97 -6.92
C LEU D 47 19.36 -14.16 -5.73
N SER D 48 20.66 -14.31 -5.43
CA SER D 48 21.29 -13.72 -4.25
C SER D 48 21.66 -12.25 -4.42
N THR D 49 22.27 -11.92 -5.56
CA THR D 49 22.68 -10.54 -5.86
C THR D 49 22.00 -10.00 -7.12
N ALA D 50 22.15 -8.70 -7.35
CA ALA D 50 21.60 -8.03 -8.52
C ALA D 50 22.16 -8.56 -9.83
N ASP D 51 23.39 -9.08 -9.77
CA ASP D 51 24.04 -9.67 -10.95
C ASP D 51 23.40 -11.01 -11.31
N ALA D 52 23.20 -11.85 -10.28
CA ALA D 52 22.65 -13.20 -10.47
C ALA D 52 21.21 -13.18 -10.96
N VAL D 53 20.41 -12.28 -10.39
CA VAL D 53 18.99 -12.12 -10.74
C VAL D 53 18.82 -11.71 -12.20
N MET D 54 19.70 -10.83 -12.67
CA MET D 54 19.65 -10.32 -14.04
C MET D 54 20.19 -11.29 -15.10
N ASN D 55 21.08 -12.21 -14.68
CA ASN D 55 21.70 -13.16 -15.60
C ASN D 55 21.24 -14.61 -15.44
N ASN D 56 20.26 -14.81 -14.55
CA ASN D 56 19.57 -16.09 -14.43
C ASN D 56 18.85 -16.43 -15.74
N PRO D 57 19.14 -17.62 -16.31
CA PRO D 57 18.58 -18.03 -17.60
C PRO D 57 17.09 -18.33 -17.56
N LYS D 58 16.61 -18.93 -16.47
CA LYS D 58 15.18 -19.22 -16.32
C LYS D 58 14.36 -17.94 -16.20
N VAL D 59 14.94 -16.94 -15.50
CA VAL D 59 14.36 -15.61 -15.36
C VAL D 59 14.07 -14.96 -16.72
N LYS D 60 15.08 -14.96 -17.59
CA LYS D 60 14.99 -14.33 -18.91
C LYS D 60 14.02 -15.05 -19.85
N ALA D 61 14.06 -16.39 -19.82
CA ALA D 61 13.19 -17.22 -20.65
C ALA D 61 11.72 -17.10 -20.23
N HIS D 62 11.50 -16.99 -18.92
CA HIS D 62 10.17 -16.78 -18.38
C HIS D 62 9.71 -15.33 -18.57
N GLY D 63 10.68 -14.43 -18.69
CA GLY D 63 10.43 -13.00 -18.90
C GLY D 63 9.71 -12.71 -20.21
N LYS D 64 10.06 -13.45 -21.27
CA LYS D 64 9.40 -13.29 -22.57
C LYS D 64 7.97 -13.83 -22.54
N LYS D 65 7.77 -14.96 -21.86
CA LYS D 65 6.45 -15.57 -21.74
C LYS D 65 5.40 -14.60 -21.18
N VAL D 66 5.84 -13.70 -20.31
CA VAL D 66 5.00 -12.67 -19.72
C VAL D 66 4.66 -11.62 -20.75
N LEU D 67 5.69 -11.09 -21.38
CA LEU D 67 5.54 -10.02 -22.36
C LEU D 67 4.79 -10.48 -23.61
N ASP D 68 4.80 -11.79 -23.87
CA ASP D 68 4.02 -12.38 -24.97
C ASP D 68 2.52 -12.39 -24.66
N SER D 69 2.18 -12.69 -23.40
CA SER D 69 0.80 -12.64 -22.93
C SER D 69 0.35 -11.18 -22.77
N PHE D 70 1.32 -10.30 -22.53
CA PHE D 70 1.11 -8.85 -22.50
C PHE D 70 0.87 -8.37 -23.93
N SER D 71 1.64 -8.90 -24.86
CA SER D 71 1.50 -8.65 -26.29
C SER D 71 0.18 -9.21 -26.82
N ASN D 72 -0.26 -10.31 -26.22
CA ASN D 72 -1.55 -10.90 -26.54
C ASN D 72 -2.69 -9.98 -26.10
N GLY D 73 -2.54 -9.39 -24.92
CA GLY D 73 -3.52 -8.45 -24.38
C GLY D 73 -3.57 -7.11 -25.11
N MET D 74 -2.56 -6.85 -25.93
CA MET D 74 -2.52 -5.63 -26.74
C MET D 74 -3.51 -5.68 -27.91
N LYS D 75 -3.87 -6.88 -28.33
CA LYS D 75 -4.85 -7.08 -29.39
C LYS D 75 -6.26 -7.06 -28.84
N HIS D 76 -6.47 -7.78 -27.74
CA HIS D 76 -7.79 -7.91 -27.12
C HIS D 76 -7.98 -6.88 -26.02
N LEU D 77 -7.85 -5.59 -26.38
CA LEU D 77 -7.83 -4.50 -25.41
C LEU D 77 -9.15 -4.26 -24.70
N ASP D 78 -10.25 -4.50 -25.39
CA ASP D 78 -11.58 -4.33 -24.80
C ASP D 78 -11.99 -5.51 -23.93
N ASP D 79 -11.61 -6.72 -24.34
CA ASP D 79 -11.89 -7.93 -23.57
C ASP D 79 -10.63 -8.45 -22.89
N LEU D 80 -10.07 -7.62 -22.01
CA LEU D 80 -8.92 -8.01 -21.20
C LEU D 80 -9.34 -9.01 -20.11
N LYS D 81 -10.52 -8.79 -19.55
CA LYS D 81 -11.08 -9.67 -18.51
C LYS D 81 -11.26 -11.10 -19.02
N GLY D 82 -11.70 -11.22 -20.28
CA GLY D 82 -11.89 -12.52 -20.92
C GLY D 82 -10.59 -13.19 -21.31
N THR D 83 -9.62 -12.39 -21.75
CA THR D 83 -8.31 -12.90 -22.21
C THR D 83 -7.43 -13.35 -21.05
N PHE D 84 -7.65 -12.76 -19.87
CA PHE D 84 -6.81 -13.04 -18.71
C PHE D 84 -7.51 -13.85 -17.61
N ALA D 85 -8.68 -14.41 -17.92
CA ALA D 85 -9.44 -15.24 -16.97
C ALA D 85 -8.70 -16.52 -16.59
N ALA D 86 -7.90 -17.04 -17.53
CA ALA D 86 -7.08 -18.23 -17.29
C ALA D 86 -5.89 -17.91 -16.38
N LEU D 87 -5.24 -16.78 -16.63
CA LEU D 87 -4.07 -16.35 -15.86
C LEU D 87 -4.42 -15.65 -14.55
N SER D 88 -5.62 -15.09 -14.47
CA SER D 88 -6.11 -14.47 -13.22
C SER D 88 -6.45 -15.54 -12.19
N GLU D 89 -6.98 -16.67 -12.66
CA GLU D 89 -7.34 -17.78 -11.78
C GLU D 89 -6.10 -18.51 -11.28
N LEU D 90 -5.13 -18.73 -12.17
CA LEU D 90 -3.92 -19.47 -11.84
C LEU D 90 -3.07 -18.80 -10.75
N HIS D 91 -2.93 -17.49 -10.84
CA HIS D 91 -2.02 -16.73 -9.98
C HIS D 91 -2.49 -16.60 -8.52
N CYS D 92 -3.77 -16.85 -8.25
CA CYS D 92 -4.28 -16.76 -6.88
C CYS D 92 -4.67 -18.13 -6.31
N ASP D 93 -5.33 -18.94 -7.13
CA ASP D 93 -5.84 -20.25 -6.72
C ASP D 93 -4.71 -21.26 -6.53
N LYS D 94 -3.62 -21.07 -7.27
CA LYS D 94 -2.44 -21.92 -7.13
C LYS D 94 -1.25 -21.18 -6.52
N LEU D 95 -0.91 -20.03 -7.10
CA LEU D 95 0.34 -19.34 -6.78
C LEU D 95 0.21 -18.29 -5.66
N HIS D 96 -1.03 -18.04 -5.22
CA HIS D 96 -1.33 -17.16 -4.08
C HIS D 96 -0.67 -15.78 -4.12
N VAL D 97 -0.53 -15.22 -5.32
CA VAL D 97 0.11 -13.91 -5.50
C VAL D 97 -0.89 -12.82 -5.10
N ASP D 98 -0.42 -11.86 -4.31
CA ASP D 98 -1.27 -10.74 -3.88
C ASP D 98 -1.51 -9.76 -5.02
N PRO D 99 -2.80 -9.44 -5.28
CA PRO D 99 -3.24 -8.55 -6.36
C PRO D 99 -2.54 -7.19 -6.41
N GLU D 100 -1.90 -6.78 -5.31
CA GLU D 100 -1.13 -5.54 -5.28
C GLU D 100 0.17 -5.62 -6.05
N ASN D 101 0.76 -6.82 -6.08
CA ASN D 101 2.00 -7.05 -6.80
C ASN D 101 1.87 -6.91 -8.31
N PHE D 102 0.67 -7.17 -8.84
CA PHE D 102 0.39 -6.99 -10.26
C PHE D 102 0.60 -5.55 -10.69
N LYS D 103 0.15 -4.60 -9.86
CA LYS D 103 0.32 -3.17 -10.10
C LYS D 103 1.80 -2.78 -10.23
N LEU D 104 2.65 -3.48 -9.49
CA LEU D 104 4.09 -3.19 -9.48
C LEU D 104 4.76 -3.59 -10.77
N LEU D 105 4.36 -4.72 -11.35
CA LEU D 105 4.96 -5.24 -12.57
C LEU D 105 4.61 -4.39 -13.81
N GLY D 106 3.38 -3.90 -13.85
CA GLY D 106 2.98 -2.93 -14.87
C GLY D 106 3.75 -1.63 -14.74
N ASN D 107 4.08 -1.28 -13.49
CA ASN D 107 4.92 -0.12 -13.18
C ASN D 107 6.35 -0.32 -13.66
N VAL D 108 6.94 -1.46 -13.29
CA VAL D 108 8.31 -1.78 -13.68
C VAL D 108 8.48 -1.82 -15.20
N LEU D 109 7.45 -2.33 -15.89
CA LEU D 109 7.46 -2.42 -17.35
C LEU D 109 7.64 -1.05 -17.99
N VAL D 110 6.88 -0.07 -17.50
CA VAL D 110 6.96 1.30 -18.02
C VAL D 110 8.36 1.88 -17.84
N VAL D 111 8.93 1.69 -16.64
CA VAL D 111 10.27 2.16 -16.33
C VAL D 111 11.32 1.57 -17.28
N VAL D 112 11.20 0.27 -17.55
CA VAL D 112 12.09 -0.42 -18.49
C VAL D 112 11.86 0.06 -19.92
N LEU D 113 10.60 0.31 -20.28
CA LEU D 113 10.24 0.81 -21.60
C LEU D 113 10.78 2.22 -21.82
N ALA D 114 10.75 3.04 -20.77
CA ALA D 114 11.31 4.39 -20.83
C ALA D 114 12.82 4.36 -20.91
N ARG D 115 13.44 3.37 -20.26
CA ARG D 115 14.88 3.19 -20.27
C ARG D 115 15.37 2.74 -21.66
N ASN D 116 14.58 1.92 -22.32
CA ASN D 116 14.94 1.35 -23.62
C ASN D 116 14.64 2.25 -24.81
N PHE D 117 13.76 3.22 -24.62
CA PHE D 117 13.34 4.09 -25.72
C PHE D 117 13.63 5.57 -25.49
N GLY D 118 13.86 5.96 -24.24
CA GLY D 118 14.23 7.32 -23.89
C GLY D 118 13.15 8.34 -24.24
N LYS D 119 13.48 9.25 -25.16
CA LYS D 119 12.58 10.32 -25.56
C LYS D 119 11.45 9.85 -26.47
N GLU D 120 11.67 8.72 -27.16
CA GLU D 120 10.67 8.10 -28.03
C GLU D 120 9.41 7.70 -27.26
N PHE D 121 9.58 7.47 -25.96
CA PHE D 121 8.49 7.17 -25.03
C PHE D 121 8.14 8.44 -24.25
N THR D 122 7.21 9.21 -24.81
CA THR D 122 6.86 10.55 -24.29
C THR D 122 5.86 10.51 -23.13
N PRO D 123 5.75 11.64 -22.38
CA PRO D 123 4.78 11.77 -21.29
C PRO D 123 3.36 11.39 -21.69
N VAL D 124 2.95 11.79 -22.90
CA VAL D 124 1.61 11.52 -23.43
C VAL D 124 1.44 10.03 -23.78
N LEU D 125 2.46 9.45 -24.41
CA LEU D 125 2.48 8.04 -24.79
C LEU D 125 2.50 7.12 -23.58
N GLN D 126 3.19 7.57 -22.53
CA GLN D 126 3.23 6.87 -21.26
C GLN D 126 1.85 6.80 -20.65
N ALA D 127 1.13 7.92 -20.69
CA ALA D 127 -0.21 8.04 -20.11
C ALA D 127 -1.18 7.00 -20.65
N ASP D 128 -1.06 6.71 -21.95
CA ASP D 128 -1.89 5.71 -22.61
C ASP D 128 -1.52 4.31 -22.12
N PHE D 129 -0.21 4.09 -21.91
CA PHE D 129 0.29 2.80 -21.42
C PHE D 129 -0.02 2.55 -19.95
N GLN D 130 -0.07 3.63 -19.16
CA GLN D 130 -0.39 3.54 -17.74
C GLN D 130 -1.80 3.00 -17.50
N LYS D 131 -2.68 3.24 -18.47
CA LYS D 131 -4.03 2.70 -18.46
C LYS D 131 -4.03 1.24 -18.87
N VAL D 132 -3.19 0.91 -19.87
CA VAL D 132 -3.06 -0.46 -20.38
C VAL D 132 -2.62 -1.41 -19.27
N VAL D 133 -1.52 -1.06 -18.60
CA VAL D 133 -1.01 -1.86 -17.49
C VAL D 133 -2.00 -1.92 -16.33
N ALA D 134 -2.72 -0.83 -16.12
CA ALA D 134 -3.73 -0.75 -15.05
C ALA D 134 -5.00 -1.49 -15.42
N GLY D 135 -5.14 -1.84 -16.69
CA GLY D 135 -6.26 -2.67 -17.15
C GLY D 135 -5.91 -4.15 -17.09
N VAL D 136 -4.67 -4.45 -17.45
CA VAL D 136 -4.15 -5.83 -17.40
C VAL D 136 -3.98 -6.29 -15.94
N ALA D 137 -3.52 -5.38 -15.08
CA ALA D 137 -3.40 -5.68 -13.66
C ALA D 137 -4.76 -5.96 -13.03
N ASN D 138 -5.75 -5.12 -13.38
CA ASN D 138 -7.12 -5.29 -12.88
C ASN D 138 -7.83 -6.52 -13.45
N ALA D 139 -7.44 -6.91 -14.67
CA ALA D 139 -7.95 -8.13 -15.28
C ALA D 139 -7.36 -9.36 -14.63
N LEU D 140 -6.13 -9.25 -14.15
CA LEU D 140 -5.44 -10.35 -13.47
C LEU D 140 -5.83 -10.46 -11.99
N ALA D 141 -6.45 -9.39 -11.47
CA ALA D 141 -6.92 -9.36 -10.09
C ALA D 141 -8.44 -9.57 -10.03
N HIS D 142 -9.00 -10.11 -11.11
CA HIS D 142 -10.46 -10.24 -11.26
C HIS D 142 -11.10 -11.29 -10.36
N ARG D 143 -10.37 -12.35 -10.04
CA ARG D 143 -10.88 -13.41 -9.17
C ARG D 143 -11.07 -12.94 -7.72
N TYR D 144 -10.28 -11.94 -7.32
CA TYR D 144 -10.46 -11.28 -6.03
C TYR D 144 -11.68 -10.35 -6.08
N HIS D 145 -11.54 -9.22 -6.77
CA HIS D 145 -12.62 -8.24 -6.88
C HIS D 145 -13.66 -8.63 -7.93
#